data_7OR2
#
_entry.id   7OR2
#
_cell.length_a   87.220
_cell.length_b   87.220
_cell.length_c   101.390
_cell.angle_alpha   90.000
_cell.angle_beta   90.000
_cell.angle_gamma   120.000
#
_symmetry.space_group_name_H-M   'P 61'
#
loop_
_entity.id
_entity.type
_entity.pdbx_description
1 polymer 'UDP-N-acetylenolpyruvoylglucosamine reductase'
2 non-polymer 'FLAVIN-ADENINE DINUCLEOTIDE'
3 non-polymer '5-methyl-1-phenyl-pyrazole-4-carboxylic acid'
4 water water
#
_entity_poly.entity_id   1
_entity_poly.type   'polypeptide(L)'
_entity_poly.pdbx_seq_one_letter_code
;SMSLELQEHCSLKPYNTFGIDVRARLLAHARDEADVREALALARERGLPLLVIGGGSNLLLTRDVEALVLRMASQGRRIV
SDAADSVLVEAEAGEAWDPFVQWSLERGLAGLENLSLIPGTVGAAPMQNIGAYGVELKDVFDSLTALDRQDGTLREFDRQ
ACRFGYRDSLFKQEPDRWLILRVRLRLTRRERLHLDYGPVRQRLEEEGIASPTARDVSRVICAIRREKLPDPAVLGNAGS
FFKNPLVDATQAERLRQAFPDLVGYPQADGRLKLAAGWLIDKGGWKGFRDGPVGVHAQQALVLVNHGGATGAQVRALAER
IQEDVRRRFGVELEPEPNLY
;
_entity_poly.pdbx_strand_id   A
#
loop_
_chem_comp.id
_chem_comp.type
_chem_comp.name
_chem_comp.formula
9FH non-polymer '5-methyl-1-phenyl-pyrazole-4-carboxylic acid' 'C11 H10 N2 O2'
FAD non-polymer 'FLAVIN-ADENINE DINUCLEOTIDE' 'C27 H33 N9 O15 P2'
#
# COMPACT_ATOMS: atom_id res chain seq x y z
N LEU A 4 8.35 14.20 -22.01
CA LEU A 4 7.22 13.90 -21.13
C LEU A 4 6.05 14.83 -21.42
N GLU A 5 5.07 14.83 -20.54
CA GLU A 5 3.96 15.76 -20.59
C GLU A 5 4.14 16.77 -19.46
N LEU A 6 5.18 17.59 -19.59
CA LEU A 6 5.72 18.35 -18.47
C LEU A 6 4.80 19.51 -18.09
N GLN A 7 4.59 19.68 -16.78
CA GLN A 7 3.78 20.78 -16.25
C GLN A 7 4.52 21.47 -15.11
N GLU A 8 4.48 22.80 -15.10
CA GLU A 8 5.25 23.63 -14.18
C GLU A 8 4.35 24.18 -13.09
N HIS A 9 4.73 23.95 -11.83
CA HIS A 9 4.10 24.56 -10.67
C HIS A 9 2.60 24.25 -10.61
N CYS A 10 2.28 22.97 -10.54
CA CYS A 10 0.90 22.54 -10.73
C CYS A 10 0.46 21.59 -9.63
N SER A 11 -0.83 21.67 -9.32
CA SER A 11 -1.39 21.05 -8.13
C SER A 11 -1.27 19.54 -8.19
N LEU A 12 -1.36 18.94 -7.00
CA LEU A 12 -1.28 17.50 -6.83
C LEU A 12 -2.54 16.95 -6.17
N LYS A 13 -3.56 17.77 -5.99
CA LYS A 13 -4.83 17.30 -5.44
C LYS A 13 -5.38 16.08 -6.19
N PRO A 14 -5.39 16.05 -7.55
CA PRO A 14 -5.92 14.84 -8.23
C PRO A 14 -4.93 13.67 -8.29
N TYR A 15 -3.85 13.78 -7.51
CA TYR A 15 -2.76 12.82 -7.55
C TYR A 15 -2.49 12.16 -6.20
N ASN A 16 -3.33 12.43 -5.20
CA ASN A 16 -3.10 11.78 -3.90
C ASN A 16 -4.45 11.56 -3.22
N THR A 17 -4.65 10.33 -2.73
CA THR A 17 -5.96 9.94 -2.24
C THR A 17 -6.44 10.76 -1.06
N PHE A 18 -5.51 11.38 -0.32
CA PHE A 18 -5.94 12.34 0.70
C PHE A 18 -6.55 13.59 0.09
N GLY A 19 -6.19 13.93 -1.15
CA GLY A 19 -6.72 15.12 -1.77
C GLY A 19 -6.06 16.42 -1.34
N ILE A 20 -4.77 16.38 -1.02
CA ILE A 20 -4.07 17.53 -0.48
C ILE A 20 -3.60 18.40 -1.63
N ASP A 21 -3.89 19.69 -1.58
CA ASP A 21 -3.53 20.61 -2.65
C ASP A 21 -2.21 21.27 -2.27
N VAL A 22 -1.11 20.73 -2.79
CA VAL A 22 0.19 21.36 -2.72
C VAL A 22 0.73 21.33 -4.14
N ARG A 23 1.62 22.26 -4.45
CA ARG A 23 2.13 22.38 -5.81
C ARG A 23 3.46 21.66 -5.91
N ALA A 24 3.74 21.15 -7.12
CA ALA A 24 5.05 20.60 -7.46
C ALA A 24 5.77 21.58 -8.39
N ARG A 25 7.08 21.79 -8.15
CA ARG A 25 7.82 22.69 -9.03
C ARG A 25 7.80 22.21 -10.47
N LEU A 26 7.73 20.89 -10.67
CA LEU A 26 7.54 20.31 -11.99
C LEU A 26 6.83 18.97 -11.86
N LEU A 27 5.84 18.76 -12.74
CA LEU A 27 5.14 17.50 -12.85
C LEU A 27 5.52 16.83 -14.15
N ALA A 28 5.76 15.53 -14.11
CA ALA A 28 6.04 14.79 -15.34
C ALA A 28 5.41 13.40 -15.27
N HIS A 29 4.91 12.97 -16.42
CA HIS A 29 4.25 11.70 -16.61
C HIS A 29 5.16 10.80 -17.43
N ALA A 30 5.53 9.66 -16.86
CA ALA A 30 6.46 8.72 -17.49
C ALA A 30 5.68 7.58 -18.12
N ARG A 31 5.77 7.45 -19.44
CA ARG A 31 5.09 6.37 -20.16
C ARG A 31 5.95 5.12 -20.33
N ASP A 32 7.28 5.26 -20.33
CA ASP A 32 8.15 4.09 -20.43
C ASP A 32 9.50 4.44 -19.83
N GLU A 33 10.47 3.53 -20.01
CA GLU A 33 11.77 3.71 -19.39
C GLU A 33 12.56 4.83 -20.06
N ALA A 34 12.39 4.99 -21.38
CA ALA A 34 12.98 6.13 -22.05
C ALA A 34 12.52 7.44 -21.41
N ASP A 35 11.27 7.49 -20.96
CA ASP A 35 10.73 8.70 -20.37
C ASP A 35 11.24 8.91 -18.96
N VAL A 36 11.57 7.82 -18.25
CA VAL A 36 12.13 7.92 -16.90
C VAL A 36 13.55 8.45 -16.95
N ARG A 37 14.33 7.99 -17.94
CA ARG A 37 15.71 8.42 -18.06
C ARG A 37 15.79 9.94 -18.23
N GLU A 38 15.13 10.47 -19.27
CA GLU A 38 15.15 11.90 -19.52
C GLU A 38 14.62 12.68 -18.32
N ALA A 39 13.46 12.27 -17.79
CA ALA A 39 12.94 12.90 -16.57
C ALA A 39 14.00 12.93 -15.48
N LEU A 40 14.87 11.91 -15.43
CA LEU A 40 15.93 11.85 -14.44
C LEU A 40 17.10 12.77 -14.81
N ALA A 41 17.39 12.93 -16.11
CA ALA A 41 18.40 13.89 -16.51
C ALA A 41 17.91 15.33 -16.36
N LEU A 42 16.59 15.55 -16.41
CA LEU A 42 16.06 16.87 -16.10
C LEU A 42 16.32 17.22 -14.64
N ALA A 43 15.79 16.40 -13.73
CA ALA A 43 15.95 16.64 -12.30
C ALA A 43 17.38 17.01 -11.94
N ARG A 44 18.35 16.36 -12.58
CA ARG A 44 19.75 16.78 -12.44
C ARG A 44 20.03 18.04 -13.23
N GLU A 45 19.64 18.07 -14.52
CA GLU A 45 19.96 19.26 -15.33
C GLU A 45 19.16 20.51 -14.92
N ARG A 46 18.46 20.47 -13.79
CA ARG A 46 17.84 21.65 -13.20
C ARG A 46 18.02 21.65 -11.67
N GLY A 47 18.94 20.85 -11.16
CA GLY A 47 19.23 20.85 -9.74
C GLY A 47 18.05 20.50 -8.88
N LEU A 48 17.11 19.72 -9.41
CA LEU A 48 15.99 19.41 -8.54
C LEU A 48 16.11 17.99 -8.03
N PRO A 49 15.61 17.72 -6.83
CA PRO A 49 15.46 16.33 -6.40
C PRO A 49 14.30 15.73 -7.18
N LEU A 50 14.26 14.40 -7.22
CA LEU A 50 13.25 13.70 -8.00
C LEU A 50 12.37 12.88 -7.06
N LEU A 51 11.07 13.07 -7.15
CA LEU A 51 10.08 12.37 -6.35
C LEU A 51 9.22 11.51 -7.27
N VAL A 52 9.30 10.20 -7.10
CA VAL A 52 8.57 9.26 -7.94
C VAL A 52 7.24 8.94 -7.25
N ILE A 53 6.15 9.01 -8.00
CA ILE A 53 4.85 8.59 -7.46
C ILE A 53 4.17 7.62 -8.42
N GLY A 54 3.23 6.84 -7.87
CA GLY A 54 2.39 5.98 -8.68
C GLY A 54 0.95 6.43 -8.67
N GLY A 55 0.11 5.82 -7.83
CA GLY A 55 -1.22 6.35 -7.61
C GLY A 55 -1.33 7.31 -6.46
N GLY A 56 -0.26 7.48 -5.67
CA GLY A 56 -0.36 8.39 -4.54
C GLY A 56 -1.40 7.97 -3.53
N SER A 57 -1.52 6.67 -3.27
CA SER A 57 -2.44 6.15 -2.27
C SER A 57 -1.72 5.63 -1.03
N ASN A 58 -0.39 5.76 -0.98
CA ASN A 58 0.44 5.46 0.20
C ASN A 58 1.32 6.67 0.55
N LEU A 59 0.85 7.86 0.25
CA LEU A 59 1.70 9.03 0.21
C LEU A 59 1.02 10.15 0.97
N LEU A 60 1.75 10.82 1.87
CA LEU A 60 1.22 12.00 2.53
C LEU A 60 2.07 13.21 2.19
N LEU A 61 1.45 14.18 1.55
CA LEU A 61 2.12 15.39 1.13
C LEU A 61 1.87 16.48 2.15
N THR A 62 2.94 17.16 2.58
CA THR A 62 2.80 18.16 3.61
C THR A 62 3.25 19.55 3.19
N ARG A 63 4.11 19.67 2.18
CA ARG A 63 4.50 20.98 1.68
C ARG A 63 4.44 20.96 0.16
N ASP A 64 4.50 22.15 -0.43
CA ASP A 64 4.77 22.25 -1.85
C ASP A 64 6.07 21.52 -2.17
N VAL A 65 6.09 20.87 -3.32
CA VAL A 65 7.17 19.94 -3.67
C VAL A 65 8.11 20.66 -4.62
N GLU A 66 9.22 21.16 -4.08
CA GLU A 66 10.33 21.65 -4.90
C GLU A 66 11.15 20.46 -5.42
N ALA A 67 10.47 19.62 -6.19
CA ALA A 67 11.12 18.50 -6.87
C ALA A 67 10.60 18.45 -8.30
N LEU A 68 11.12 17.52 -9.07
CA LEU A 68 10.38 17.03 -10.22
C LEU A 68 9.54 15.87 -9.70
N VAL A 69 8.23 15.95 -9.88
CA VAL A 69 7.36 14.84 -9.54
C VAL A 69 7.13 14.02 -10.80
N LEU A 70 7.49 12.76 -10.74
CA LEU A 70 7.39 11.86 -11.89
C LEU A 70 6.30 10.84 -11.59
N ARG A 71 5.15 10.96 -12.26
CA ARG A 71 4.03 10.04 -12.06
C ARG A 71 4.14 8.85 -13.02
N MET A 72 4.31 7.66 -12.47
CA MET A 72 4.51 6.47 -13.29
C MET A 72 3.23 6.09 -14.02
N ALA A 73 3.28 6.14 -15.35
CA ALA A 73 2.14 5.74 -16.15
C ALA A 73 2.54 4.72 -17.21
N SER A 74 3.52 3.87 -16.89
CA SER A 74 3.93 2.84 -17.82
C SER A 74 2.93 1.68 -17.80
N GLN A 75 2.77 1.06 -18.98
CA GLN A 75 1.61 0.29 -19.40
C GLN A 75 2.11 -0.96 -20.10
N GLY A 76 1.57 -2.11 -19.68
CA GLY A 76 1.94 -3.39 -20.28
C GLY A 76 1.74 -4.57 -19.35
N ARG A 77 0.94 -5.55 -19.76
CA ARG A 77 0.58 -6.69 -18.92
C ARG A 77 0.77 -7.95 -19.73
N ARG A 78 1.66 -8.83 -19.29
CA ARG A 78 2.08 -9.95 -20.13
C ARG A 78 2.34 -11.20 -19.32
N ILE A 79 1.91 -12.33 -19.88
CA ILE A 79 2.36 -13.66 -19.46
C ILE A 79 3.77 -13.90 -20.00
N VAL A 80 4.72 -14.11 -19.09
CA VAL A 80 6.08 -14.42 -19.49
C VAL A 80 6.23 -15.92 -19.73
N SER A 81 5.93 -16.70 -18.69
CA SER A 81 6.06 -18.15 -18.70
C SER A 81 4.72 -18.80 -18.44
N ASP A 82 4.51 -19.96 -19.03
CA ASP A 82 3.41 -20.83 -18.67
C ASP A 82 4.01 -22.18 -18.30
N ALA A 83 4.11 -22.45 -17.01
CA ALA A 83 4.16 -23.84 -16.57
C ALA A 83 2.74 -24.28 -16.24
N ALA A 84 2.54 -25.57 -16.06
CA ALA A 84 1.18 -26.05 -15.86
C ALA A 84 0.55 -25.35 -14.66
N ASP A 85 0.99 -25.71 -13.46
CA ASP A 85 0.32 -25.20 -12.29
C ASP A 85 0.82 -23.82 -11.86
N SER A 86 1.91 -23.32 -12.42
CA SER A 86 2.34 -21.95 -12.11
C SER A 86 2.54 -21.16 -13.41
N VAL A 87 2.20 -19.87 -13.35
CA VAL A 87 2.31 -18.95 -14.47
C VAL A 87 2.97 -17.67 -14.01
N LEU A 88 4.08 -17.30 -14.66
CA LEU A 88 4.81 -16.08 -14.32
C LEU A 88 4.32 -14.96 -15.21
N VAL A 89 3.80 -13.91 -14.59
CA VAL A 89 3.28 -12.75 -15.32
C VAL A 89 4.12 -11.53 -14.99
N GLU A 90 4.09 -10.54 -15.88
CA GLU A 90 4.91 -9.34 -15.75
C GLU A 90 4.10 -8.12 -16.14
N ALA A 91 4.17 -7.07 -15.32
CA ALA A 91 3.43 -5.84 -15.60
C ALA A 91 4.30 -4.62 -15.35
N GLU A 92 4.10 -3.60 -16.18
CA GLU A 92 4.87 -2.37 -16.05
C GLU A 92 4.46 -1.59 -14.80
N ALA A 93 5.33 -0.66 -14.40
CA ALA A 93 5.21 -0.02 -13.08
C ALA A 93 3.95 0.82 -12.96
N GLY A 94 3.51 1.45 -14.04
CA GLY A 94 2.38 2.34 -13.94
C GLY A 94 1.05 1.69 -14.13
N GLU A 95 1.05 0.39 -14.43
CA GLU A 95 -0.18 -0.36 -14.50
C GLU A 95 -0.94 -0.25 -13.20
N ALA A 96 -2.22 0.13 -13.31
CA ALA A 96 -3.13 0.18 -12.17
C ALA A 96 -3.30 -1.21 -11.57
N TRP A 97 -3.13 -1.31 -10.25
CA TRP A 97 -3.05 -2.61 -9.59
C TRP A 97 -4.33 -3.42 -9.76
N ASP A 98 -5.46 -2.87 -9.33
CA ASP A 98 -6.66 -3.68 -9.32
C ASP A 98 -7.03 -4.18 -10.72
N PRO A 99 -7.05 -3.35 -11.77
CA PRO A 99 -7.24 -3.91 -13.12
C PRO A 99 -6.23 -4.99 -13.45
N PHE A 100 -5.00 -4.86 -12.96
CA PHE A 100 -4.03 -5.92 -13.15
C PHE A 100 -4.55 -7.21 -12.53
N VAL A 101 -5.03 -7.14 -11.29
CA VAL A 101 -5.62 -8.30 -10.62
C VAL A 101 -6.74 -8.90 -11.49
N GLN A 102 -7.66 -8.06 -11.95
CA GLN A 102 -8.72 -8.52 -12.82
C GLN A 102 -8.15 -9.20 -14.05
N TRP A 103 -7.11 -8.62 -14.63
CA TRP A 103 -6.49 -9.22 -15.82
C TRP A 103 -6.06 -10.66 -15.53
N SER A 104 -5.41 -10.88 -14.39
CA SER A 104 -4.91 -12.20 -14.06
C SER A 104 -6.06 -13.18 -13.88
N LEU A 105 -7.05 -12.79 -13.08
CA LEU A 105 -8.22 -13.63 -12.90
C LEU A 105 -8.90 -13.91 -14.23
N GLU A 106 -8.99 -12.88 -15.08
CA GLU A 106 -9.54 -13.07 -16.42
C GLU A 106 -8.80 -14.19 -17.15
N ARG A 107 -7.46 -14.16 -17.12
CA ARG A 107 -6.63 -15.15 -17.79
C ARG A 107 -6.72 -16.55 -17.16
N GLY A 108 -7.36 -16.68 -16.01
CA GLY A 108 -7.51 -17.97 -15.37
C GLY A 108 -6.55 -18.25 -14.24
N LEU A 109 -6.01 -17.23 -13.60
CA LEU A 109 -4.91 -17.42 -12.67
C LEU A 109 -5.35 -17.05 -11.26
N ALA A 110 -4.78 -17.74 -10.28
CA ALA A 110 -4.98 -17.42 -8.88
C ALA A 110 -3.69 -16.91 -8.24
N GLY A 111 -3.84 -16.18 -7.14
CA GLY A 111 -2.71 -15.71 -6.35
C GLY A 111 -2.83 -14.25 -5.90
N LEU A 112 -3.49 -13.45 -6.74
CA LEU A 112 -3.71 -12.04 -6.47
C LEU A 112 -5.08 -11.76 -5.86
N GLU A 113 -5.94 -12.78 -5.78
CA GLU A 113 -7.35 -12.55 -5.52
C GLU A 113 -7.57 -11.86 -4.17
N ASN A 114 -6.74 -12.17 -3.16
CA ASN A 114 -6.89 -11.58 -1.85
C ASN A 114 -6.36 -10.15 -1.80
N LEU A 115 -5.60 -9.74 -2.81
CA LEU A 115 -5.16 -8.37 -2.97
C LEU A 115 -6.10 -7.58 -3.85
N SER A 116 -7.29 -8.11 -4.12
CA SER A 116 -8.28 -7.42 -4.95
C SER A 116 -8.55 -6.01 -4.42
N LEU A 117 -8.87 -5.11 -5.34
CA LEU A 117 -9.30 -3.73 -5.12
C LEU A 117 -8.32 -2.88 -4.30
N ILE A 118 -7.09 -3.34 -4.13
CA ILE A 118 -6.12 -2.46 -3.47
C ILE A 118 -5.73 -1.34 -4.44
N PRO A 119 -5.71 -0.09 -4.01
CA PRO A 119 -5.38 1.00 -4.95
C PRO A 119 -3.92 1.01 -5.39
N GLY A 120 -3.55 1.99 -6.20
CA GLY A 120 -2.16 2.17 -6.55
C GLY A 120 -1.75 1.40 -7.80
N THR A 121 -0.44 1.33 -7.97
CA THR A 121 0.20 0.87 -9.20
C THR A 121 0.93 -0.44 -8.96
N VAL A 122 1.22 -1.17 -10.03
CA VAL A 122 2.05 -2.35 -9.88
C VAL A 122 3.45 -1.96 -9.41
N GLY A 123 3.99 -0.84 -9.91
CA GLY A 123 5.33 -0.42 -9.53
C GLY A 123 5.49 -0.20 -8.04
N ALA A 124 4.47 0.38 -7.39
CA ALA A 124 4.58 0.67 -5.97
C ALA A 124 4.31 -0.54 -5.09
N ALA A 125 3.66 -1.58 -5.63
CA ALA A 125 3.26 -2.72 -4.80
C ALA A 125 4.41 -3.39 -4.06
N PRO A 126 5.60 -3.58 -4.67
CA PRO A 126 6.71 -4.15 -3.90
C PRO A 126 7.23 -3.24 -2.82
N MET A 127 7.01 -1.92 -2.94
CA MET A 127 7.55 -0.95 -1.97
C MET A 127 7.08 -1.29 -0.56
N GLN A 128 5.77 -1.43 -0.39
CA GLN A 128 5.20 -1.68 0.93
C GLN A 128 4.86 -3.13 1.15
N ASN A 129 5.14 -4.02 0.19
CA ASN A 129 4.77 -5.43 0.28
C ASN A 129 3.27 -5.57 0.58
N ILE A 130 2.47 -5.13 -0.39
CA ILE A 130 1.06 -4.90 -0.10
C ILE A 130 0.40 -6.19 0.36
N GLY A 131 -0.41 -6.07 1.41
CA GLY A 131 -0.97 -7.22 2.05
C GLY A 131 -2.42 -6.99 2.40
N ALA A 132 -3.18 -8.09 2.41
CA ALA A 132 -4.57 -8.06 2.83
C ALA A 132 -5.05 -9.50 3.02
N TYR A 133 -6.07 -9.66 3.84
CA TYR A 133 -6.76 -10.93 4.01
C TYR A 133 -5.80 -12.09 4.00
N GLY A 134 -4.72 -11.94 4.78
CA GLY A 134 -3.74 -12.99 4.97
C GLY A 134 -2.78 -13.19 3.84
N VAL A 135 -2.79 -12.33 2.82
CA VAL A 135 -1.87 -12.47 1.70
C VAL A 135 -1.04 -11.19 1.56
N GLU A 136 0.26 -11.36 1.26
CA GLU A 136 1.21 -10.27 1.00
C GLU A 136 1.85 -10.51 -0.36
N LEU A 137 2.26 -9.41 -1.01
CA LEU A 137 2.84 -9.50 -2.35
C LEU A 137 4.00 -10.48 -2.41
N LYS A 138 4.72 -10.67 -1.30
CA LYS A 138 5.85 -11.60 -1.40
C LYS A 138 5.37 -13.03 -1.64
N ASP A 139 4.14 -13.37 -1.24
CA ASP A 139 3.72 -14.77 -1.39
C ASP A 139 3.80 -15.17 -2.86
N VAL A 140 3.55 -14.22 -3.77
CA VAL A 140 3.58 -14.52 -5.18
C VAL A 140 4.71 -13.79 -5.90
N PHE A 141 5.60 -13.12 -5.18
CA PHE A 141 6.61 -12.28 -5.83
C PHE A 141 7.71 -13.15 -6.39
N ASP A 142 8.04 -12.94 -7.66
CA ASP A 142 9.14 -13.68 -8.27
C ASP A 142 10.41 -12.86 -8.51
N SER A 143 10.27 -11.61 -8.96
CA SER A 143 11.39 -10.75 -9.31
C SER A 143 10.86 -9.41 -9.82
N LEU A 144 11.75 -8.39 -9.79
CA LEU A 144 11.46 -7.07 -10.34
C LEU A 144 12.71 -6.47 -10.98
N THR A 145 12.51 -5.49 -11.84
CA THR A 145 13.58 -4.72 -12.43
C THR A 145 13.49 -3.29 -11.93
N ALA A 146 14.62 -2.75 -11.45
CA ALA A 146 14.66 -1.40 -10.90
C ALA A 146 15.83 -0.62 -11.46
N LEU A 147 15.61 0.68 -11.68
CA LEU A 147 16.67 1.62 -12.03
C LEU A 147 17.37 2.09 -10.75
N ASP A 148 18.69 1.93 -10.72
CA ASP A 148 19.52 2.33 -9.59
C ASP A 148 19.87 3.82 -9.72
N ARG A 149 19.52 4.62 -8.72
CA ARG A 149 19.72 6.04 -8.94
C ARG A 149 21.10 6.54 -8.48
N GLN A 150 21.97 5.65 -7.98
CA GLN A 150 23.36 6.04 -7.75
C GLN A 150 24.13 6.12 -9.05
N ASP A 151 23.94 5.16 -9.97
CA ASP A 151 24.68 5.17 -11.25
C ASP A 151 23.81 4.94 -12.48
N GLY A 152 22.54 4.59 -12.33
CA GLY A 152 21.65 4.45 -13.47
C GLY A 152 21.57 3.09 -14.09
N THR A 153 22.06 2.04 -13.43
CA THR A 153 22.14 0.72 -14.03
C THR A 153 20.97 -0.15 -13.58
N LEU A 154 20.27 -0.74 -14.56
CA LEU A 154 19.15 -1.61 -14.26
C LEU A 154 19.65 -2.91 -13.64
N ARG A 155 18.98 -3.37 -12.58
CA ARG A 155 19.29 -4.70 -12.10
C ARG A 155 18.04 -5.42 -11.63
N GLU A 156 18.15 -6.74 -11.59
CA GLU A 156 17.04 -7.60 -11.22
C GLU A 156 17.11 -7.90 -9.72
N PHE A 157 15.94 -7.90 -9.09
CA PHE A 157 15.80 -8.19 -7.67
C PHE A 157 14.93 -9.43 -7.56
N ASP A 158 15.52 -10.55 -7.15
CA ASP A 158 14.68 -11.70 -6.81
C ASP A 158 14.06 -11.41 -5.44
N ARG A 159 13.38 -12.42 -4.89
CA ARG A 159 12.53 -12.18 -3.73
C ARG A 159 13.36 -11.96 -2.47
N GLN A 160 14.34 -12.84 -2.22
CA GLN A 160 15.23 -12.63 -1.08
C GLN A 160 15.86 -11.24 -1.12
N ALA A 161 16.35 -10.82 -2.29
CA ALA A 161 17.00 -9.52 -2.44
C ALA A 161 16.10 -8.36 -2.06
N CYS A 162 14.78 -8.54 -2.03
CA CYS A 162 13.87 -7.45 -1.70
C CYS A 162 13.63 -7.31 -0.21
N ARG A 163 14.14 -8.23 0.60
CA ARG A 163 13.99 -8.18 2.06
C ARG A 163 12.57 -7.75 2.45
N PHE A 164 11.60 -8.43 1.87
CA PHE A 164 10.20 -8.11 2.17
C PHE A 164 9.94 -8.27 3.66
N GLY A 165 9.17 -7.34 4.22
CA GLY A 165 8.77 -7.38 5.60
C GLY A 165 7.33 -6.94 5.72
N TYR A 166 6.85 -6.88 6.96
CA TYR A 166 5.48 -6.40 7.16
C TYR A 166 5.43 -4.95 6.73
N ARG A 167 4.75 -4.68 5.63
CA ARG A 167 4.65 -3.33 5.07
C ARG A 167 6.03 -2.70 4.93
N ASP A 168 7.00 -3.51 4.49
CA ASP A 168 8.39 -3.09 4.41
C ASP A 168 9.11 -3.85 3.29
N SER A 169 10.24 -3.29 2.87
CA SER A 169 11.09 -3.85 1.83
C SER A 169 12.42 -3.09 1.79
N LEU A 170 13.40 -3.69 1.09
CA LEU A 170 14.67 -2.99 0.89
C LEU A 170 14.45 -1.63 0.26
N PHE A 171 13.44 -1.51 -0.61
CA PHE A 171 13.17 -0.22 -1.20
C PHE A 171 12.55 0.76 -0.23
N LYS A 172 11.93 0.33 0.87
CA LYS A 172 11.51 1.37 1.80
C LYS A 172 12.61 1.63 2.81
N GLN A 173 13.46 0.63 3.06
CA GLN A 173 14.61 0.83 3.93
C GLN A 173 15.62 1.75 3.29
N GLU A 174 15.84 1.59 1.97
CA GLU A 174 16.83 2.39 1.26
C GLU A 174 16.13 3.43 0.40
N PRO A 175 15.38 4.36 0.97
CA PRO A 175 14.46 5.18 0.15
C PRO A 175 15.22 6.01 -0.87
N ASP A 176 14.53 6.28 -1.98
CA ASP A 176 15.03 7.10 -3.08
C ASP A 176 16.20 6.48 -3.82
N ARG A 177 16.56 5.23 -3.54
CA ARG A 177 17.63 4.69 -4.35
C ARG A 177 17.11 4.03 -5.62
N TRP A 178 16.05 3.23 -5.51
CA TRP A 178 15.62 2.32 -6.55
C TRP A 178 14.31 2.78 -7.15
N LEU A 179 14.20 2.67 -8.45
CA LEU A 179 13.00 3.09 -9.18
C LEU A 179 12.50 1.87 -9.94
N ILE A 180 11.38 1.31 -9.47
CA ILE A 180 10.83 0.06 -9.99
C ILE A 180 10.15 0.30 -11.32
N LEU A 181 10.53 -0.48 -12.32
CA LEU A 181 10.00 -0.43 -13.67
C LEU A 181 9.08 -1.58 -14.03
N ARG A 182 9.29 -2.74 -13.42
CA ARG A 182 8.69 -3.97 -13.87
C ARG A 182 8.63 -4.90 -12.68
N VAL A 183 7.55 -5.69 -12.64
CA VAL A 183 7.31 -6.61 -11.54
C VAL A 183 6.86 -7.94 -12.14
N ARG A 184 7.47 -9.03 -11.68
CA ARG A 184 7.15 -10.37 -12.16
C ARG A 184 6.65 -11.20 -10.99
N LEU A 185 5.43 -11.71 -11.11
CA LEU A 185 4.81 -12.56 -10.10
C LEU A 185 4.52 -13.93 -10.68
N ARG A 186 4.70 -14.98 -9.87
CA ARG A 186 4.27 -16.33 -10.24
C ARG A 186 2.88 -16.57 -9.67
N LEU A 187 1.91 -16.76 -10.56
CA LEU A 187 0.52 -17.06 -10.23
C LEU A 187 0.27 -18.54 -10.47
N THR A 188 -0.82 -19.05 -9.89
CA THR A 188 -1.14 -20.48 -9.97
C THR A 188 -2.50 -20.74 -10.60
N ARG A 189 -2.69 -22.00 -11.00
CA ARG A 189 -3.95 -22.58 -11.43
C ARG A 189 -4.32 -23.74 -10.52
N ARG A 190 -5.59 -23.83 -10.14
CA ARG A 190 -6.20 -25.02 -9.53
C ARG A 190 -5.48 -25.48 -8.25
N GLU A 191 -5.01 -24.52 -7.46
CA GLU A 191 -4.52 -24.77 -6.12
C GLU A 191 -5.69 -24.72 -5.13
N ARG A 192 -5.63 -25.58 -4.11
CA ARG A 192 -6.68 -25.58 -3.09
C ARG A 192 -6.76 -24.20 -2.43
N LEU A 193 -7.96 -23.85 -1.97
CA LEU A 193 -8.32 -22.44 -1.74
C LEU A 193 -7.75 -21.91 -0.43
N HIS A 194 -7.02 -20.79 -0.52
CA HIS A 194 -6.45 -20.12 0.64
C HIS A 194 -7.51 -19.27 1.33
N LEU A 195 -8.22 -19.89 2.28
CA LEU A 195 -9.17 -19.21 3.15
C LEU A 195 -9.22 -19.93 4.49
N ASP A 196 -9.43 -19.14 5.56
CA ASP A 196 -9.18 -19.63 6.91
C ASP A 196 -10.03 -18.84 7.90
N TYR A 197 -11.23 -19.36 8.21
CA TYR A 197 -12.12 -18.86 9.26
C TYR A 197 -12.13 -17.34 9.35
N GLY A 198 -12.82 -16.69 8.42
CA GLY A 198 -12.97 -15.25 8.42
C GLY A 198 -14.28 -14.85 7.79
N PRO A 199 -14.57 -13.54 7.77
CA PRO A 199 -15.77 -13.10 7.04
C PRO A 199 -15.72 -13.42 5.56
N VAL A 200 -14.53 -13.44 4.95
CA VAL A 200 -14.40 -13.80 3.55
C VAL A 200 -14.99 -15.17 3.30
N ARG A 201 -14.58 -16.15 4.10
CA ARG A 201 -15.19 -17.45 3.99
C ARG A 201 -16.68 -17.39 4.30
N GLN A 202 -17.07 -16.85 5.47
CA GLN A 202 -18.47 -16.86 5.87
C GLN A 202 -19.33 -16.45 4.70
N ARG A 203 -18.92 -15.40 3.99
CA ARG A 203 -19.72 -14.84 2.92
C ARG A 203 -19.52 -15.54 1.58
N LEU A 204 -18.42 -16.28 1.41
CA LEU A 204 -18.30 -17.12 0.22
C LEU A 204 -19.25 -18.30 0.29
N GLU A 205 -19.19 -19.07 1.39
CA GLU A 205 -19.96 -20.31 1.53
C GLU A 205 -21.46 -20.06 1.60
N GLU A 206 -21.89 -18.82 1.73
CA GLU A 206 -23.30 -18.48 1.61
C GLU A 206 -23.75 -18.40 0.16
N GLU A 207 -22.81 -18.23 -0.77
CA GLU A 207 -23.12 -18.13 -2.18
C GLU A 207 -23.30 -19.48 -2.84
N GLY A 208 -23.09 -20.55 -2.08
CA GLY A 208 -23.31 -21.89 -2.57
C GLY A 208 -22.01 -22.65 -2.61
N ILE A 209 -20.92 -21.91 -2.86
CA ILE A 209 -19.57 -22.44 -3.05
C ILE A 209 -19.64 -23.78 -3.78
N ALA A 210 -20.15 -23.78 -5.01
CA ALA A 210 -20.07 -24.96 -5.86
C ALA A 210 -18.61 -25.37 -6.03
N SER A 211 -17.79 -24.44 -6.50
CA SER A 211 -16.33 -24.47 -6.52
C SER A 211 -15.84 -23.12 -5.99
N PRO A 212 -14.76 -23.10 -5.19
CA PRO A 212 -14.23 -21.82 -4.71
C PRO A 212 -13.12 -21.28 -5.59
N THR A 213 -13.47 -20.71 -6.74
CA THR A 213 -12.48 -20.10 -7.61
C THR A 213 -12.00 -18.74 -7.09
N ALA A 214 -10.77 -18.40 -7.47
CA ALA A 214 -10.19 -17.11 -7.12
C ALA A 214 -11.08 -15.98 -7.59
N ARG A 215 -11.67 -16.13 -8.78
CA ARG A 215 -12.64 -15.15 -9.24
C ARG A 215 -13.78 -14.99 -8.23
N ASP A 216 -14.26 -16.09 -7.65
CA ASP A 216 -15.28 -15.98 -6.60
C ASP A 216 -14.76 -15.19 -5.41
N VAL A 217 -13.65 -15.65 -4.81
CA VAL A 217 -13.16 -14.99 -3.61
C VAL A 217 -12.82 -13.53 -3.89
N SER A 218 -12.41 -13.22 -5.12
CA SER A 218 -12.14 -11.85 -5.52
C SER A 218 -13.42 -11.05 -5.63
N ARG A 219 -14.51 -11.67 -6.06
CA ARG A 219 -15.79 -10.97 -6.07
C ARG A 219 -16.22 -10.67 -4.64
N VAL A 220 -16.12 -11.68 -3.77
CA VAL A 220 -16.38 -11.49 -2.34
C VAL A 220 -15.60 -10.29 -1.81
N ILE A 221 -14.26 -10.35 -1.90
CA ILE A 221 -13.39 -9.40 -1.19
C ILE A 221 -13.70 -7.95 -1.58
N CYS A 222 -13.89 -7.68 -2.87
CA CYS A 222 -14.42 -6.39 -3.30
C CYS A 222 -15.61 -5.95 -2.46
N ALA A 223 -16.61 -6.82 -2.33
CA ALA A 223 -17.82 -6.46 -1.62
C ALA A 223 -17.52 -6.07 -0.17
N ILE A 224 -16.69 -6.86 0.52
CA ILE A 224 -16.32 -6.48 1.88
C ILE A 224 -15.57 -5.15 1.88
N ARG A 225 -14.62 -4.99 0.95
CA ARG A 225 -13.90 -3.71 0.82
C ARG A 225 -14.88 -2.57 0.62
N ARG A 226 -15.81 -2.74 -0.32
CA ARG A 226 -16.76 -1.69 -0.64
C ARG A 226 -17.70 -1.38 0.50
N GLU A 227 -17.73 -2.21 1.54
CA GLU A 227 -18.61 -1.97 2.67
C GLU A 227 -17.88 -1.44 3.88
N LYS A 228 -16.63 -1.84 4.08
CA LYS A 228 -15.88 -1.32 5.22
C LYS A 228 -15.17 -0.03 4.85
N LEU A 229 -14.31 -0.08 3.82
CA LEU A 229 -13.23 0.91 3.62
C LEU A 229 -13.76 2.19 2.97
N PRO A 230 -13.46 3.35 3.54
CA PRO A 230 -13.88 4.61 2.92
C PRO A 230 -13.19 4.84 1.57
N ASP A 231 -14.00 5.15 0.58
CA ASP A 231 -13.44 5.50 -0.72
C ASP A 231 -12.79 6.88 -0.66
N PRO A 232 -11.53 7.02 -1.06
CA PRO A 232 -10.92 8.36 -1.12
C PRO A 232 -11.60 9.30 -2.10
N ALA A 233 -12.46 8.78 -2.99
CA ALA A 233 -13.22 9.62 -3.90
C ALA A 233 -14.28 10.45 -3.18
N VAL A 234 -14.50 10.21 -1.89
CA VAL A 234 -15.52 10.89 -1.11
C VAL A 234 -14.89 11.45 0.15
N LEU A 235 -14.04 10.66 0.78
CA LEU A 235 -13.34 11.05 2.00
C LEU A 235 -11.86 10.79 1.80
N GLY A 236 -11.07 11.86 1.70
CA GLY A 236 -9.66 11.73 1.47
C GLY A 236 -9.02 10.90 2.57
N ASN A 237 -8.24 9.90 2.17
CA ASN A 237 -7.55 9.03 3.12
C ASN A 237 -6.51 8.28 2.30
N ALA A 238 -5.59 7.64 2.99
CA ALA A 238 -4.64 6.73 2.37
C ALA A 238 -4.80 5.33 2.97
N GLY A 239 -6.05 4.88 3.12
CA GLY A 239 -6.33 3.62 3.79
C GLY A 239 -5.90 3.65 5.25
N SER A 240 -5.54 2.48 5.75
CA SER A 240 -5.06 2.38 7.12
C SER A 240 -3.80 3.22 7.31
N PHE A 241 -3.79 4.04 8.36
CA PHE A 241 -2.69 4.99 8.54
C PHE A 241 -1.53 4.38 9.31
N PHE A 242 -1.79 3.52 10.29
CA PHE A 242 -0.75 2.92 11.12
C PHE A 242 -0.61 1.43 10.85
N LYS A 243 0.64 0.96 10.82
CA LYS A 243 0.89 -0.47 10.85
C LYS A 243 0.49 -1.05 12.20
N ASN A 244 0.18 -2.33 12.22
CA ASN A 244 -0.09 -3.01 13.47
C ASN A 244 1.21 -3.21 14.21
N PRO A 245 1.35 -2.72 15.44
CA PRO A 245 2.60 -2.90 16.17
C PRO A 245 2.68 -4.29 16.77
N LEU A 246 3.90 -4.80 16.81
CA LEU A 246 4.19 -6.07 17.47
C LEU A 246 5.11 -5.81 18.66
N VAL A 247 4.84 -6.50 19.77
CA VAL A 247 5.55 -6.28 21.01
C VAL A 247 6.22 -7.57 21.44
N ASP A 248 7.36 -7.42 22.12
CA ASP A 248 8.03 -8.56 22.73
C ASP A 248 7.09 -9.25 23.71
N ALA A 249 7.41 -10.50 24.04
CA ALA A 249 6.55 -11.27 24.94
C ALA A 249 6.45 -10.63 26.32
N THR A 250 7.42 -9.81 26.71
CA THR A 250 7.35 -9.12 27.99
C THR A 250 6.37 -7.95 27.93
N GLN A 251 6.52 -7.09 26.91
CA GLN A 251 5.54 -6.04 26.70
C GLN A 251 4.15 -6.64 26.53
N ALA A 252 4.04 -7.73 25.76
CA ALA A 252 2.76 -8.40 25.59
C ALA A 252 2.17 -8.82 26.93
N GLU A 253 3.00 -9.42 27.80
CA GLU A 253 2.48 -10.00 29.03
C GLU A 253 1.90 -8.94 29.96
N ARG A 254 2.47 -7.73 29.96
CA ARG A 254 2.03 -6.69 30.89
C ARG A 254 0.74 -6.04 30.42
N LEU A 255 0.69 -5.68 29.13
CA LEU A 255 -0.57 -5.23 28.55
C LEU A 255 -1.63 -6.32 28.58
N ARG A 256 -1.22 -7.59 28.44
CA ARG A 256 -2.17 -8.70 28.45
C ARG A 256 -3.09 -8.61 29.66
N GLN A 257 -2.52 -8.66 30.87
CA GLN A 257 -3.31 -8.60 32.10
C GLN A 257 -3.52 -7.17 32.59
N ALA A 258 -3.59 -6.20 31.66
CA ALA A 258 -4.07 -4.86 31.95
C ALA A 258 -5.38 -4.49 31.25
N PHE A 259 -5.67 -5.09 30.07
CA PHE A 259 -6.92 -4.96 29.33
C PHE A 259 -7.38 -6.34 28.84
N PRO A 260 -8.53 -6.85 29.29
CA PRO A 260 -8.90 -8.24 28.94
C PRO A 260 -9.18 -8.43 27.45
N ASP A 261 -9.78 -7.43 26.83
CA ASP A 261 -9.98 -7.33 25.38
C ASP A 261 -8.69 -7.48 24.54
N LEU A 262 -7.75 -6.50 24.51
CA LEU A 262 -6.46 -6.70 23.84
C LEU A 262 -6.47 -7.56 22.57
N VAL A 263 -7.15 -7.12 21.52
CA VAL A 263 -7.14 -7.83 20.24
C VAL A 263 -5.71 -7.91 19.71
N GLY A 264 -5.05 -9.06 19.86
CA GLY A 264 -3.66 -9.21 19.47
C GLY A 264 -3.49 -10.38 18.51
N TYR A 265 -2.29 -10.50 17.90
CA TYR A 265 -2.25 -11.72 17.12
C TYR A 265 -0.89 -12.36 17.32
N PRO A 266 -0.83 -13.64 17.71
CA PRO A 266 0.48 -14.25 17.99
C PRO A 266 1.20 -14.63 16.71
N GLN A 267 2.51 -14.32 16.66
CA GLN A 267 3.33 -14.62 15.48
C GLN A 267 4.09 -15.92 15.71
N ALA A 268 4.91 -16.30 14.73
CA ALA A 268 5.70 -17.52 14.83
C ALA A 268 7.00 -17.33 15.60
N ASP A 269 7.48 -16.08 15.73
CA ASP A 269 8.70 -15.76 16.45
C ASP A 269 8.47 -15.59 17.95
N GLY A 270 7.20 -15.62 18.39
CA GLY A 270 6.83 -15.64 19.78
C GLY A 270 6.12 -14.39 20.23
N ARG A 271 6.19 -13.31 19.42
CA ARG A 271 5.82 -11.99 19.89
C ARG A 271 4.38 -11.71 19.48
N LEU A 272 3.76 -10.70 20.08
CA LEU A 272 2.37 -10.44 19.79
C LEU A 272 2.24 -9.17 18.96
N LYS A 273 1.55 -9.28 17.84
CA LYS A 273 1.22 -8.14 16.98
C LYS A 273 -0.16 -7.63 17.38
N LEU A 274 -0.18 -6.46 18.01
CA LEU A 274 -1.43 -5.88 18.48
C LEU A 274 -2.24 -5.33 17.31
N ALA A 275 -3.57 -5.37 17.45
CA ALA A 275 -4.44 -4.73 16.49
C ALA A 275 -4.39 -3.23 16.71
N ALA A 276 -3.81 -2.48 15.78
CA ALA A 276 -3.73 -1.04 15.98
C ALA A 276 -5.10 -0.41 15.95
N GLY A 277 -6.07 -1.03 15.27
CA GLY A 277 -7.42 -0.52 15.31
C GLY A 277 -7.97 -0.49 16.72
N TRP A 278 -7.59 -1.46 17.55
CA TRP A 278 -8.08 -1.51 18.92
C TRP A 278 -7.47 -0.39 19.76
N LEU A 279 -6.15 -0.41 19.89
CA LEU A 279 -5.38 0.69 20.48
C LEU A 279 -5.94 2.08 20.18
N ILE A 280 -6.11 2.42 18.90
CA ILE A 280 -6.65 3.74 18.57
C ILE A 280 -8.11 3.85 19.00
N ASP A 281 -8.86 2.76 18.93
CA ASP A 281 -10.25 2.85 19.36
C ASP A 281 -10.37 2.83 20.87
N LYS A 282 -9.53 2.05 21.56
CA LYS A 282 -9.55 2.07 23.02
C LYS A 282 -9.10 3.43 23.54
N GLY A 283 -8.29 4.15 22.76
CA GLY A 283 -7.87 5.49 23.15
C GLY A 283 -8.95 6.53 22.92
N GLY A 284 -10.20 6.09 22.76
CA GLY A 284 -11.29 7.01 22.50
C GLY A 284 -11.06 7.87 21.28
N TRP A 285 -10.29 7.40 20.31
CA TRP A 285 -10.01 8.23 19.15
C TRP A 285 -11.03 8.05 18.03
N LYS A 286 -11.76 6.94 18.00
CA LYS A 286 -12.66 6.67 16.89
C LYS A 286 -13.65 7.81 16.70
N GLY A 287 -13.82 8.23 15.45
CA GLY A 287 -14.74 9.32 15.17
C GLY A 287 -14.24 10.68 15.57
N PHE A 288 -12.96 10.81 15.92
CA PHE A 288 -12.39 12.10 16.30
C PHE A 288 -12.46 13.06 15.11
N ARG A 289 -12.68 14.34 15.41
CA ARG A 289 -12.64 15.35 14.36
C ARG A 289 -12.22 16.69 14.95
N ASP A 290 -11.11 17.24 14.46
CA ASP A 290 -10.64 18.56 14.83
C ASP A 290 -10.36 19.29 13.52
N GLY A 291 -11.15 20.32 13.22
CA GLY A 291 -11.05 21.00 11.95
C GLY A 291 -11.44 20.13 10.77
N PRO A 292 -10.59 20.09 9.72
CA PRO A 292 -10.94 19.35 8.50
C PRO A 292 -10.30 17.98 8.43
N VAL A 293 -9.99 17.41 9.59
CA VAL A 293 -9.33 16.11 9.66
C VAL A 293 -9.95 15.31 10.79
N GLY A 294 -9.80 13.99 10.71
CA GLY A 294 -10.24 13.15 11.79
C GLY A 294 -9.89 11.71 11.54
N VAL A 295 -10.54 10.84 12.31
CA VAL A 295 -10.44 9.41 12.08
C VAL A 295 -11.83 8.92 11.75
N HIS A 296 -11.89 7.80 11.04
CA HIS A 296 -13.19 7.28 10.61
C HIS A 296 -14.02 6.87 11.83
N ALA A 297 -15.34 6.89 11.63
CA ALA A 297 -16.31 6.53 12.65
C ALA A 297 -16.45 5.02 12.82
N GLN A 298 -15.88 4.22 11.92
CA GLN A 298 -15.87 2.77 12.06
C GLN A 298 -14.45 2.24 12.07
N GLN A 299 -13.72 2.40 10.97
CA GLN A 299 -12.38 1.85 10.87
C GLN A 299 -11.41 2.88 11.45
N ALA A 300 -11.04 2.68 12.72
CA ALA A 300 -10.24 3.62 13.49
C ALA A 300 -8.83 3.79 12.93
N LEU A 301 -8.44 3.03 11.93
CA LEU A 301 -7.11 3.12 11.34
C LEU A 301 -7.08 4.10 10.19
N VAL A 302 -8.21 4.65 9.79
CA VAL A 302 -8.35 5.44 8.58
C VAL A 302 -8.47 6.90 9.01
N LEU A 303 -7.38 7.65 8.88
CA LEU A 303 -7.42 9.09 9.08
C LEU A 303 -7.90 9.78 7.80
N VAL A 304 -8.70 10.83 7.96
CA VAL A 304 -9.42 11.38 6.81
C VAL A 304 -9.30 12.90 6.73
N ASN A 305 -9.49 13.39 5.50
CA ASN A 305 -9.64 14.81 5.22
C ASN A 305 -11.10 14.98 4.81
N HIS A 306 -11.91 15.49 5.74
CA HIS A 306 -13.32 15.70 5.45
C HIS A 306 -13.50 16.72 4.33
N GLY A 307 -12.55 17.63 4.15
CA GLY A 307 -12.71 18.65 3.13
C GLY A 307 -11.65 19.73 3.13
N GLY A 308 -10.77 19.68 2.14
CA GLY A 308 -9.77 20.72 1.96
C GLY A 308 -8.77 20.85 3.09
N ALA A 309 -8.29 19.73 3.60
CA ALA A 309 -7.30 19.81 4.66
C ALA A 309 -5.91 20.04 4.07
N THR A 310 -4.99 20.36 4.97
CA THR A 310 -3.56 20.37 4.71
C THR A 310 -2.94 19.04 5.12
N GLY A 311 -1.90 18.65 4.41
CA GLY A 311 -1.13 17.51 4.83
C GLY A 311 -0.53 17.67 6.21
N ALA A 312 -0.16 18.89 6.57
CA ALA A 312 0.39 19.12 7.90
C ALA A 312 -0.64 18.86 8.98
N GLN A 313 -1.87 19.32 8.78
CA GLN A 313 -2.92 18.98 9.74
C GLN A 313 -3.06 17.47 9.88
N VAL A 314 -3.16 16.75 8.75
CA VAL A 314 -3.20 15.30 8.83
C VAL A 314 -2.00 14.79 9.60
N ARG A 315 -0.81 15.30 9.24
CA ARG A 315 0.45 14.87 9.88
C ARG A 315 0.37 15.16 11.37
N ALA A 316 -0.33 16.23 11.75
CA ALA A 316 -0.31 16.59 13.16
C ALA A 316 -1.30 15.74 13.95
N LEU A 317 -2.44 15.43 13.35
CA LEU A 317 -3.34 14.45 13.98
C LEU A 317 -2.65 13.11 14.11
N ALA A 318 -1.90 12.69 13.09
CA ALA A 318 -1.19 11.43 13.22
C ALA A 318 -0.32 11.45 14.46
N GLU A 319 0.57 12.45 14.53
CA GLU A 319 1.50 12.59 15.65
C GLU A 319 0.76 12.70 16.98
N ARG A 320 -0.36 13.43 17.02
CA ARG A 320 -1.12 13.49 18.27
C ARG A 320 -1.52 12.09 18.70
N ILE A 321 -2.08 11.31 17.77
CA ILE A 321 -2.51 9.95 18.09
C ILE A 321 -1.34 9.09 18.57
N GLN A 322 -0.16 9.31 17.99
CA GLN A 322 0.92 8.37 18.28
C GLN A 322 1.38 8.57 19.71
N GLU A 323 1.59 9.84 20.07
CA GLU A 323 1.91 10.22 21.44
C GLU A 323 0.83 9.74 22.40
N ASP A 324 -0.43 10.07 22.11
CA ASP A 324 -1.53 9.70 23.00
C ASP A 324 -1.57 8.20 23.23
N VAL A 325 -1.30 7.43 22.19
CA VAL A 325 -1.23 5.98 22.34
C VAL A 325 -0.01 5.60 23.18
N ARG A 326 1.19 6.02 22.73
CA ARG A 326 2.41 5.68 23.44
C ARG A 326 2.37 6.12 24.90
N ARG A 327 1.74 7.26 25.18
CA ARG A 327 1.67 7.77 26.54
C ARG A 327 0.55 7.12 27.35
N ARG A 328 -0.19 6.18 26.77
CA ARG A 328 -1.24 5.48 27.51
C ARG A 328 -1.07 3.97 27.52
N PHE A 329 -0.53 3.37 26.45
CA PHE A 329 -0.23 1.95 26.42
C PHE A 329 1.24 1.62 26.39
N GLY A 330 2.09 2.54 25.94
CA GLY A 330 3.50 2.25 25.80
C GLY A 330 3.87 1.54 24.53
N VAL A 331 3.13 1.78 23.45
CA VAL A 331 3.49 1.24 22.14
C VAL A 331 3.56 2.39 21.16
N GLU A 332 4.50 2.31 20.24
CA GLU A 332 4.64 3.33 19.20
C GLU A 332 4.00 2.81 17.92
N LEU A 333 3.02 3.54 17.42
CA LEU A 333 2.35 3.20 16.19
C LEU A 333 3.17 3.72 15.01
N GLU A 334 3.63 2.83 14.17
CA GLU A 334 4.31 3.42 13.04
C GLU A 334 3.32 3.72 11.93
N PRO A 335 3.60 4.70 11.08
CA PRO A 335 2.75 4.94 9.92
C PRO A 335 3.03 3.95 8.81
N GLU A 336 2.10 3.92 7.87
CA GLU A 336 2.21 3.15 6.64
C GLU A 336 2.49 4.07 5.45
N PRO A 337 1.80 5.20 5.28
CA PRO A 337 2.09 6.05 4.13
C PRO A 337 3.46 6.68 4.28
N ASN A 338 4.04 7.07 3.14
CA ASN A 338 5.29 7.82 3.12
C ASN A 338 4.94 9.30 3.12
N LEU A 339 5.69 10.08 3.92
CA LEU A 339 5.41 11.51 4.09
C LEU A 339 6.40 12.33 3.27
N TYR A 340 5.88 13.30 2.53
CA TYR A 340 6.75 14.12 1.71
C TYR A 340 6.41 15.61 1.89
PA FAD B . 2.28 5.90 -4.19
O1A FAD B . 1.33 6.29 -3.10
O2A FAD B . 2.05 6.66 -5.48
O5B FAD B . 3.76 5.77 -3.69
C5B FAD B . 4.07 5.36 -2.34
C4B FAD B . 5.56 5.27 -2.19
O4B FAD B . 6.10 4.38 -3.21
C3B FAD B . 6.32 6.59 -2.35
O3B FAD B . 7.47 6.57 -1.50
C2B FAD B . 6.76 6.55 -3.81
O2B FAD B . 7.91 7.35 -4.02
C1B FAD B . 7.07 5.06 -3.98
N9A FAD B . 7.01 4.58 -5.35
C8A FAD B . 5.91 4.67 -6.18
N7A FAD B . 6.10 4.19 -7.38
C5A FAD B . 7.44 3.77 -7.37
C6A FAD B . 8.25 3.19 -8.33
N6A FAD B . 7.85 2.88 -9.57
N1A FAD B . 9.52 2.89 -7.99
C2A FAD B . 9.93 3.17 -6.74
N3A FAD B . 9.25 3.73 -5.75
C4A FAD B . 7.97 4.02 -6.11
N1 FAD B . -2.22 -1.03 1.35
C2 FAD B . -2.18 -2.35 1.69
O2 FAD B . -1.12 -2.95 1.85
N3 FAD B . -3.37 -3.04 1.85
C4 FAD B . -4.64 -2.53 1.71
O4 FAD B . -5.60 -3.25 1.89
C4X FAD B . -4.67 -1.13 1.35
N5 FAD B . -5.83 -0.56 1.21
C5X FAD B . -5.86 0.79 0.86
C6 FAD B . -7.10 1.40 0.69
C7 FAD B . -7.20 2.75 0.35
C7M FAD B . -8.55 3.37 0.18
C8 FAD B . -6.02 3.50 0.18
C8M FAD B . -6.10 4.95 -0.21
C9 FAD B . -4.78 2.89 0.33
C9A FAD B . -4.69 1.54 0.68
N10 FAD B . -3.44 0.89 0.85
C10 FAD B . -3.40 -0.45 1.20
C1' FAD B . -2.18 1.63 0.71
C2' FAD B . -1.25 1.08 -0.37
O2' FAD B . 0.11 1.12 0.06
C3' FAD B . -1.36 1.96 -1.59
O3' FAD B . -2.74 2.14 -1.88
C4' FAD B . -0.55 1.40 -2.76
O4' FAD B . 0.08 0.21 -2.30
C5' FAD B . 0.53 2.38 -3.16
O5' FAD B . 0.61 2.43 -4.58
P FAD B . 0.81 3.79 -5.33
O1P FAD B . 1.17 3.53 -6.80
O2P FAD B . -0.36 4.69 -5.12
O3P FAD B . 2.08 4.36 -4.55
C10 9FH C . -6.59 -6.46 5.69
C15 9FH C . -4.51 -3.77 7.26
C01 9FH C . -7.77 -0.76 6.55
C02 9FH C . -7.54 -0.12 5.34
C03 9FH C . -6.96 -0.85 4.30
C04 9FH C . -6.64 -2.18 4.47
C05 9FH C . -6.88 -2.84 5.68
C06 9FH C . -7.45 -2.10 6.72
N07 9FH C . -6.53 -4.25 5.85
C08 9FH C . -5.50 -4.68 6.53
C09 9FH C . -5.47 -6.10 6.49
N11 9FH C . -7.18 -5.31 5.35
C12 9FH C . -4.45 -7.05 7.13
O13 9FH C . -4.30 -8.20 6.65
O14 9FH C . -3.75 -6.71 8.13
#